data_4RY9
#
_entry.id   4RY9
#
_cell.length_a   68.650
_cell.length_b   68.635
_cell.length_c   120.376
_cell.angle_alpha   90.00
_cell.angle_beta   90.00
_cell.angle_gamma   90.00
#
_symmetry.space_group_name_H-M   'P 2 2 21'
#
loop_
_entity.id
_entity.type
_entity.pdbx_description
1 polymer 'Periplasmic binding protein/LacI transcriptional regulator'
2 non-polymer D-altritol
3 non-polymer GLYCEROL
4 non-polymer 'BICARBONATE ION'
5 water water
#
_entity_poly.entity_id   1
_entity_poly.type   'polypeptide(L)'
_entity_poly.pdbx_seq_one_letter_code
;QSMQTGAFKIGVSMKTLSAPYFAAQMEAAKARGKELGYEVLATDAQGKLQKQISDVEDLVTRGVKLLIINPADSEGLVNA
VNNASANGVKVVVIDSTLNPRANFVTQVQSSNSINGALVGHWVIEEVGNKSLKIALLSGEKGNPVGQERRLGVLSGIIEA
QLRKFGKADLTVVGQGWGHWNDEGGLKAMEDLLVANKDINMVLGENDSMVLGARRAIESAGRTGILLVAAADAQKEALAL
IKQGKYGVTGLNDPALVARTAIDLGVKVVKGEVKDVPKQTLTTPAAITKGNVDKFYNPKAVF
;
_entity_poly.pdbx_strand_id   A,B
#
# COMPACT_ATOMS: atom_id res chain seq x y z
N GLY A 6 -0.13 34.66 -16.13
CA GLY A 6 1.07 35.01 -15.31
C GLY A 6 2.04 33.88 -15.03
N ALA A 7 3.05 34.21 -14.24
CA ALA A 7 4.03 33.23 -13.81
C ALA A 7 3.32 32.40 -12.78
N PHE A 8 3.53 31.11 -12.89
CA PHE A 8 3.14 30.16 -11.87
C PHE A 8 4.19 29.08 -11.77
N LYS A 9 4.16 28.37 -10.65
CA LYS A 9 5.08 27.27 -10.37
C LYS A 9 4.46 25.95 -10.75
N ILE A 10 5.32 25.06 -11.24
CA ILE A 10 4.93 23.71 -11.58
C ILE A 10 5.64 22.78 -10.60
N GLY A 11 4.90 21.81 -10.07
CA GLY A 11 5.46 20.81 -9.20
C GLY A 11 5.53 19.49 -9.93
N VAL A 12 6.60 18.75 -9.72
CA VAL A 12 6.75 17.40 -10.25
C VAL A 12 7.08 16.48 -9.11
N SER A 13 6.16 15.58 -8.81
CA SER A 13 6.30 14.58 -7.76
C SER A 13 6.49 13.20 -8.36
N MET A 14 7.70 12.67 -8.23
CA MET A 14 8.01 11.33 -8.70
C MET A 14 7.97 10.32 -7.56
N LYS A 15 7.41 9.15 -7.82
CA LYS A 15 7.37 8.07 -6.82
C LYS A 15 8.76 7.63 -6.46
N THR A 16 9.65 7.61 -7.44
CA THR A 16 11.01 7.15 -7.27
C THR A 16 11.82 7.63 -8.48
N LEU A 17 13.13 7.61 -8.36
CA LEU A 17 14.05 7.84 -9.49
C LEU A 17 14.97 6.65 -9.74
N SER A 18 14.64 5.51 -9.15
CA SER A 18 15.60 4.40 -9.04
C SER A 18 15.67 3.40 -10.24
N ALA A 19 15.05 3.74 -11.37
CA ALA A 19 15.18 2.98 -12.65
C ALA A 19 15.37 4.03 -13.77
N PRO A 20 15.99 3.63 -14.90
CA PRO A 20 16.35 4.65 -15.92
C PRO A 20 15.17 5.45 -16.44
N TYR A 21 14.05 4.78 -16.63
CA TYR A 21 12.86 5.43 -17.10
C TYR A 21 12.49 6.62 -16.22
N PHE A 22 12.51 6.41 -14.91
CA PHE A 22 12.09 7.44 -13.95
C PHE A 22 13.03 8.62 -13.95
N ALA A 23 14.32 8.31 -14.00
CA ALA A 23 15.31 9.39 -14.01
C ALA A 23 15.13 10.28 -15.25
N ALA A 24 14.93 9.62 -16.38
CA ALA A 24 14.74 10.35 -17.63
C ALA A 24 13.44 11.16 -17.63
N GLN A 25 12.38 10.59 -17.07
CA GLN A 25 11.10 11.25 -17.01
C GLN A 25 11.20 12.54 -16.19
N MET A 26 11.85 12.45 -15.02
CA MET A 26 12.02 13.60 -14.14
C MET A 26 12.77 14.71 -14.87
N GLU A 27 13.89 14.37 -15.49
CA GLU A 27 14.66 15.39 -16.17
C GLU A 27 13.89 16.03 -17.34
N ALA A 28 13.13 15.22 -18.07
CA ALA A 28 12.31 15.75 -19.16
C ALA A 28 11.24 16.69 -18.62
N ALA A 29 10.64 16.36 -17.48
CA ALA A 29 9.61 17.22 -16.93
C ALA A 29 10.19 18.57 -16.49
N LYS A 30 11.31 18.50 -15.79
CA LYS A 30 12.00 19.71 -15.39
C LYS A 30 12.36 20.57 -16.60
N ALA A 31 12.90 19.93 -17.63
CA ALA A 31 13.33 20.64 -18.81
C ALA A 31 12.18 21.31 -19.55
N ARG A 32 11.06 20.60 -19.68
CA ARG A 32 9.95 21.14 -20.44
C ARG A 32 9.32 22.31 -19.71
N GLY A 33 9.15 22.21 -18.39
CA GLY A 33 8.59 23.34 -17.66
C GLY A 33 9.46 24.58 -17.81
N LYS A 34 10.78 24.42 -17.70
CA LYS A 34 11.71 25.54 -17.89
CA LYS A 34 11.72 25.54 -17.89
C LYS A 34 11.63 26.12 -19.29
N GLU A 35 11.62 25.25 -20.30
CA GLU A 35 11.52 25.67 -21.70
C GLU A 35 10.29 26.56 -21.95
N LEU A 36 9.18 26.22 -21.31
CA LEU A 36 7.92 26.98 -21.43
C LEU A 36 7.89 28.26 -20.59
N GLY A 37 8.90 28.44 -19.77
CA GLY A 37 9.10 29.66 -19.01
C GLY A 37 8.68 29.60 -17.56
N TYR A 38 8.62 28.42 -16.96
CA TYR A 38 8.13 28.27 -15.57
C TYR A 38 9.16 27.67 -14.63
N GLU A 39 9.09 28.10 -13.38
CA GLU A 39 9.80 27.48 -12.28
C GLU A 39 9.23 26.11 -11.95
N VAL A 40 10.10 25.13 -11.89
CA VAL A 40 9.73 23.75 -11.55
C VAL A 40 10.31 23.35 -10.21
N LEU A 41 9.42 22.95 -9.31
CA LEU A 41 9.77 22.38 -8.00
C LEU A 41 9.60 20.88 -8.09
N ALA A 42 10.63 20.11 -7.73
CA ALA A 42 10.63 18.68 -7.98
C ALA A 42 10.91 17.90 -6.70
N THR A 43 10.22 16.78 -6.51
CA THR A 43 10.41 15.93 -5.35
C THR A 43 10.48 14.46 -5.77
N ASP A 44 11.28 13.70 -5.04
CA ASP A 44 11.47 12.25 -5.21
C ASP A 44 11.04 11.58 -3.90
N ALA A 45 10.03 10.72 -3.98
CA ALA A 45 9.49 10.04 -2.81
C ALA A 45 10.33 8.83 -2.41
N GLN A 46 11.34 8.46 -3.20
CA GLN A 46 12.28 7.39 -2.83
C GLN A 46 11.54 6.05 -2.63
N GLY A 47 10.49 5.85 -3.39
CA GLY A 47 9.69 4.63 -3.34
C GLY A 47 8.73 4.49 -2.18
N LYS A 48 8.56 5.55 -1.41
CA LYS A 48 7.75 5.53 -0.19
C LYS A 48 6.47 6.33 -0.36
N LEU A 49 5.34 5.64 -0.30
CA LEU A 49 4.02 6.26 -0.38
C LEU A 49 3.84 7.40 0.64
N GLN A 50 4.22 7.15 1.88
CA GLN A 50 4.04 8.17 2.91
C GLN A 50 4.84 9.44 2.62
N LYS A 51 6.04 9.28 2.09
CA LYS A 51 6.84 10.43 1.69
C LYS A 51 6.19 11.16 0.51
N GLN A 52 5.63 10.41 -0.44
CA GLN A 52 4.99 11.07 -1.58
C GLN A 52 3.79 11.90 -1.16
N ILE A 53 3.01 11.42 -0.20
CA ILE A 53 1.89 12.19 0.31
C ILE A 53 2.40 13.52 0.88
N SER A 54 3.46 13.43 1.68
CA SER A 54 4.09 14.61 2.28
C SER A 54 4.68 15.55 1.23
N ASP A 55 5.25 14.96 0.20
CA ASP A 55 5.82 15.74 -0.90
C ASP A 55 4.75 16.56 -1.64
N VAL A 56 3.62 15.93 -1.92
CA VAL A 56 2.48 16.60 -2.55
C VAL A 56 2.00 17.77 -1.67
N GLU A 57 1.79 17.50 -0.39
CA GLU A 57 1.31 18.53 0.53
C GLU A 57 2.29 19.72 0.56
N ASP A 58 3.58 19.41 0.54
CA ASP A 58 4.61 20.46 0.55
C ASP A 58 4.54 21.29 -0.74
N LEU A 59 4.40 20.61 -1.88
CA LEU A 59 4.38 21.33 -3.14
C LEU A 59 3.16 22.23 -3.21
N VAL A 60 2.03 21.76 -2.68
CA VAL A 60 0.80 22.56 -2.70
C VAL A 60 1.00 23.82 -1.83
N THR A 61 1.49 23.67 -0.61
CA THR A 61 1.68 24.89 0.19
C THR A 61 2.80 25.81 -0.33
N ARG A 62 3.76 25.26 -1.07
CA ARG A 62 4.76 26.06 -1.79
C ARG A 62 4.19 26.82 -3.01
N GLY A 63 2.93 26.55 -3.35
CA GLY A 63 2.15 27.34 -4.30
C GLY A 63 2.13 26.84 -5.72
N VAL A 64 2.44 25.56 -5.94
CA VAL A 64 2.35 25.09 -7.31
C VAL A 64 0.91 25.19 -7.81
N LYS A 65 0.77 25.60 -9.06
CA LYS A 65 -0.52 25.66 -9.73
C LYS A 65 -0.80 24.45 -10.61
N LEU A 66 0.26 23.80 -11.04
CA LEU A 66 0.20 22.61 -11.84
C LEU A 66 1.04 21.58 -11.14
N LEU A 67 0.48 20.40 -10.90
CA LEU A 67 1.18 19.29 -10.28
C LEU A 67 1.19 18.12 -11.22
N ILE A 68 2.41 17.70 -11.57
CA ILE A 68 2.64 16.51 -12.36
C ILE A 68 3.05 15.42 -11.39
N ILE A 69 2.34 14.30 -11.36
CA ILE A 69 2.61 13.27 -10.34
C ILE A 69 2.65 11.88 -10.97
N ASN A 70 3.72 11.17 -10.66
CA ASN A 70 3.83 9.75 -11.00
C ASN A 70 3.63 8.99 -9.69
N PRO A 71 2.41 8.48 -9.48
CA PRO A 71 2.04 8.01 -8.10
C PRO A 71 2.61 6.66 -7.72
N ALA A 72 3.02 6.56 -6.46
CA ALA A 72 3.57 5.31 -5.90
C ALA A 72 2.50 4.26 -5.66
N ASP A 73 1.24 4.68 -5.58
CA ASP A 73 0.14 3.75 -5.35
C ASP A 73 -1.11 4.37 -5.96
N SER A 74 -1.94 3.54 -6.59
CA SER A 74 -3.13 4.03 -7.28
C SER A 74 -4.24 4.48 -6.33
N GLU A 75 -4.19 3.97 -5.11
CA GLU A 75 -5.21 4.26 -4.11
C GLU A 75 -4.74 5.18 -3.01
N GLY A 76 -3.50 4.97 -2.56
CA GLY A 76 -3.00 5.70 -1.42
C GLY A 76 -2.80 7.19 -1.61
N LEU A 77 -2.68 7.64 -2.86
CA LEU A 77 -2.56 9.06 -3.19
C LEU A 77 -3.86 9.75 -3.56
N VAL A 78 -4.98 9.02 -3.55
CA VAL A 78 -6.27 9.63 -3.90
C VAL A 78 -6.59 10.84 -3.01
N ASN A 79 -6.48 10.67 -1.70
CA ASN A 79 -6.89 11.75 -0.80
C ASN A 79 -6.00 12.99 -1.05
N ALA A 80 -4.70 12.78 -1.21
CA ALA A 80 -3.79 13.93 -1.41
C ALA A 80 -4.03 14.64 -2.73
N VAL A 81 -4.31 13.89 -3.79
CA VAL A 81 -4.64 14.50 -5.07
C VAL A 81 -5.97 15.25 -5.01
N ASN A 82 -6.98 14.62 -4.38
CA ASN A 82 -8.28 15.28 -4.20
C ASN A 82 -8.09 16.62 -3.47
N ASN A 83 -7.23 16.63 -2.45
CA ASN A 83 -7.06 17.85 -1.69
CA ASN A 83 -7.02 17.86 -1.67
C ASN A 83 -6.31 18.93 -2.48
N ALA A 84 -5.31 18.51 -3.24
CA ALA A 84 -4.63 19.42 -4.13
C ALA A 84 -5.61 20.07 -5.12
N SER A 85 -6.44 19.23 -5.76
CA SER A 85 -7.41 19.76 -6.72
C SER A 85 -8.43 20.68 -6.04
N ALA A 86 -8.82 20.35 -4.82
CA ALA A 86 -9.78 21.17 -4.07
C ALA A 86 -9.19 22.52 -3.68
N ASN A 87 -7.87 22.60 -3.64
CA ASN A 87 -7.14 23.85 -3.35
C ASN A 87 -6.68 24.59 -4.62
N GLY A 88 -7.28 24.22 -5.74
CA GLY A 88 -7.09 24.93 -6.99
C GLY A 88 -5.94 24.46 -7.87
N VAL A 89 -5.23 23.42 -7.46
CA VAL A 89 -4.14 22.89 -8.25
C VAL A 89 -4.71 22.05 -9.38
N LYS A 90 -4.16 22.24 -10.58
CA LYS A 90 -4.47 21.36 -11.68
C LYS A 90 -3.48 20.20 -11.64
N VAL A 91 -4.01 18.99 -11.54
CA VAL A 91 -3.19 17.80 -11.39
C VAL A 91 -3.23 16.91 -12.62
N VAL A 92 -2.05 16.58 -13.14
CA VAL A 92 -1.89 15.65 -14.25
C VAL A 92 -1.09 14.47 -13.72
N VAL A 93 -1.68 13.30 -13.83
CA VAL A 93 -1.06 12.05 -13.38
C VAL A 93 -0.28 11.51 -14.55
N ILE A 94 0.95 11.07 -14.32
CA ILE A 94 1.79 10.49 -15.37
C ILE A 94 2.22 9.07 -15.05
N ASP A 95 2.16 8.24 -16.09
CA ASP A 95 2.83 6.92 -16.16
C ASP A 95 2.15 5.86 -15.30
N SER A 96 2.31 5.94 -13.99
CA SER A 96 1.59 5.02 -13.10
C SER A 96 0.16 5.48 -12.92
N THR A 97 -0.72 4.49 -12.78
CA THR A 97 -2.13 4.74 -12.66
C THR A 97 -2.55 5.28 -11.28
N LEU A 98 -3.40 6.29 -11.31
CA LEU A 98 -4.16 6.71 -10.14
C LEU A 98 -5.61 6.34 -10.36
N ASN A 99 -6.27 5.92 -9.29
CA ASN A 99 -7.67 5.59 -9.36
C ASN A 99 -8.41 6.71 -10.07
N PRO A 100 -9.12 6.38 -11.18
CA PRO A 100 -9.76 7.45 -11.95
C PRO A 100 -10.97 8.14 -11.30
N ARG A 101 -11.41 7.64 -10.16
CA ARG A 101 -12.44 8.33 -9.39
C ARG A 101 -11.87 9.51 -8.64
N ALA A 102 -10.55 9.62 -8.56
CA ALA A 102 -9.97 10.81 -8.00
C ALA A 102 -10.18 12.04 -8.90
N ASN A 103 -10.06 13.21 -8.31
CA ASN A 103 -10.28 14.45 -9.01
C ASN A 103 -8.95 14.96 -9.53
N PHE A 104 -8.75 14.78 -10.83
CA PHE A 104 -7.57 15.29 -11.52
C PHE A 104 -7.94 15.60 -12.96
N VAL A 105 -7.06 16.31 -13.65
CA VAL A 105 -7.32 16.73 -15.03
C VAL A 105 -7.28 15.54 -16.00
N THR A 106 -6.16 14.84 -16.04
CA THR A 106 -6.02 13.70 -16.92
C THR A 106 -4.87 12.83 -16.45
N GLN A 107 -4.90 11.60 -16.90
CA GLN A 107 -3.85 10.61 -16.77
C GLN A 107 -3.14 10.49 -18.11
N VAL A 108 -1.86 10.86 -18.15
CA VAL A 108 -1.02 10.65 -19.33
C VAL A 108 -0.21 9.41 -19.11
N GLN A 109 -0.33 8.44 -20.01
CA GLN A 109 0.47 7.25 -19.88
C GLN A 109 0.60 6.55 -21.21
N SER A 110 1.54 5.61 -21.24
CA SER A 110 1.69 4.79 -22.43
C SER A 110 0.42 3.97 -22.66
N SER A 111 0.19 3.62 -23.93
CA SER A 111 -1.00 2.83 -24.32
CA SER A 111 -0.99 2.85 -24.31
C SER A 111 -0.74 1.37 -23.99
N ASN A 112 -0.77 1.03 -22.70
CA ASN A 112 -0.29 -0.30 -22.29
C ASN A 112 -1.10 -1.46 -22.85
N SER A 113 -2.43 -1.37 -22.81
CA SER A 113 -3.26 -2.49 -23.30
C SER A 113 -3.10 -2.69 -24.81
N ILE A 114 -3.13 -1.61 -25.57
CA ILE A 114 -2.95 -1.70 -27.02
C ILE A 114 -1.53 -2.13 -27.36
N ASN A 115 -0.52 -1.58 -26.70
CA ASN A 115 0.83 -2.08 -26.91
C ASN A 115 0.89 -3.57 -26.68
N GLY A 116 0.27 -4.05 -25.62
CA GLY A 116 0.31 -5.47 -25.32
C GLY A 116 -0.33 -6.26 -26.45
N ALA A 117 -1.45 -5.81 -26.94
CA ALA A 117 -2.10 -6.48 -28.05
C ALA A 117 -1.18 -6.51 -29.29
N LEU A 118 -0.57 -5.38 -29.63
CA LEU A 118 0.30 -5.28 -30.80
C LEU A 118 1.51 -6.21 -30.68
N VAL A 119 2.10 -6.22 -29.48
CA VAL A 119 3.26 -7.06 -29.19
C VAL A 119 2.88 -8.55 -29.27
N GLY A 120 1.76 -8.95 -28.65
CA GLY A 120 1.32 -10.35 -28.71
C GLY A 120 0.98 -10.81 -30.12
N HIS A 121 0.35 -9.93 -30.88
CA HIS A 121 0.09 -10.22 -32.31
C HIS A 121 1.39 -10.44 -33.05
N TRP A 122 2.38 -9.59 -32.80
CA TRP A 122 3.68 -9.76 -33.44
C TRP A 122 4.30 -11.11 -33.09
N VAL A 123 4.21 -11.52 -31.83
CA VAL A 123 4.80 -12.79 -31.44
C VAL A 123 4.27 -13.91 -32.35
N ILE A 124 2.97 -13.91 -32.61
CA ILE A 124 2.37 -14.95 -33.47
C ILE A 124 2.75 -14.76 -34.93
N GLU A 125 2.90 -13.53 -35.39
CA GLU A 125 3.47 -13.30 -36.71
C GLU A 125 4.87 -13.92 -36.83
N GLU A 126 5.63 -13.89 -35.74
CA GLU A 126 7.00 -14.36 -35.73
C GLU A 126 7.12 -15.88 -35.61
N VAL A 127 6.38 -16.48 -34.69
CA VAL A 127 6.54 -17.89 -34.32
C VAL A 127 5.42 -18.78 -34.84
N GLY A 128 4.36 -18.20 -35.38
CA GLY A 128 3.26 -19.03 -35.85
C GLY A 128 2.67 -19.91 -34.77
N ASN A 129 2.52 -21.19 -35.13
CA ASN A 129 1.93 -22.25 -34.29
C ASN A 129 2.84 -22.80 -33.20
N LYS A 130 4.03 -22.25 -33.04
CA LYS A 130 5.00 -22.79 -32.10
C LYS A 130 4.39 -22.86 -30.70
N SER A 131 4.63 -23.95 -30.00
CA SER A 131 4.17 -24.13 -28.61
C SER A 131 5.03 -23.26 -27.71
N LEU A 132 4.42 -22.23 -27.14
CA LEU A 132 5.14 -21.24 -26.32
C LEU A 132 5.24 -21.66 -24.87
N LYS A 133 6.44 -21.53 -24.32
CA LYS A 133 6.75 -21.87 -22.92
C LYS A 133 7.42 -20.62 -22.33
N ILE A 134 6.62 -19.80 -21.65
CA ILE A 134 6.96 -18.41 -21.33
C ILE A 134 7.44 -18.26 -19.89
N ALA A 135 8.59 -17.60 -19.72
CA ALA A 135 9.05 -17.13 -18.43
C ALA A 135 8.70 -15.65 -18.31
N LEU A 136 7.93 -15.32 -17.30
CA LEU A 136 7.38 -13.99 -17.12
C LEU A 136 8.15 -13.21 -16.07
N LEU A 137 8.59 -12.01 -16.45
CA LEU A 137 9.26 -11.09 -15.55
C LEU A 137 8.34 -9.92 -15.29
N SER A 138 7.81 -9.85 -14.08
CA SER A 138 6.85 -8.82 -13.70
C SER A 138 7.52 -7.77 -12.83
N GLY A 139 6.93 -6.58 -12.82
CA GLY A 139 7.56 -5.47 -12.10
C GLY A 139 7.38 -5.50 -10.60
N GLU A 140 6.15 -5.29 -10.16
CA GLU A 140 5.88 -5.07 -8.75
C GLU A 140 4.50 -5.61 -8.44
N LYS A 141 4.43 -6.37 -7.36
CA LYS A 141 3.15 -6.94 -6.97
C LYS A 141 2.15 -5.83 -6.70
N GLY A 142 0.96 -6.02 -7.23
CA GLY A 142 -0.10 -5.04 -7.12
C GLY A 142 -0.11 -3.89 -8.12
N ASN A 143 0.89 -3.83 -8.99
CA ASN A 143 0.96 -2.69 -9.93
C ASN A 143 0.00 -2.87 -11.11
N PRO A 144 -0.95 -1.93 -11.31
CA PRO A 144 -1.95 -2.16 -12.33
C PRO A 144 -1.43 -1.99 -13.76
N VAL A 145 -0.45 -1.11 -13.97
CA VAL A 145 0.17 -0.99 -15.30
C VAL A 145 0.92 -2.29 -15.65
N GLY A 146 1.64 -2.86 -14.69
CA GLY A 146 2.31 -4.15 -14.91
C GLY A 146 1.31 -5.24 -15.34
N GLN A 147 0.19 -5.30 -14.64
CA GLN A 147 -0.84 -6.28 -14.93
C GLN A 147 -1.42 -6.05 -16.32
N GLU A 148 -1.72 -4.81 -16.66
CA GLU A 148 -2.21 -4.50 -18.01
C GLU A 148 -1.24 -4.97 -19.09
N ARG A 149 0.04 -4.79 -18.83
CA ARG A 149 1.07 -5.19 -19.79
C ARG A 149 1.16 -6.72 -19.94
N ARG A 150 1.31 -7.44 -18.83
CA ARG A 150 1.39 -8.91 -18.97
C ARG A 150 0.13 -9.51 -19.56
N LEU A 151 -1.02 -9.07 -19.09
CA LEU A 151 -2.27 -9.65 -19.59
C LEU A 151 -2.59 -9.14 -20.99
N GLY A 152 -2.14 -7.94 -21.34
CA GLY A 152 -2.25 -7.46 -22.72
C GLY A 152 -1.48 -8.30 -23.71
N VAL A 153 -0.23 -8.58 -23.39
CA VAL A 153 0.57 -9.42 -24.27
C VAL A 153 0.03 -10.85 -24.33
N LEU A 154 -0.26 -11.46 -23.17
CA LEU A 154 -0.73 -12.83 -23.17
C LEU A 154 -2.09 -12.95 -23.87
N SER A 155 -2.99 -12.02 -23.63
N SER A 155 -2.97 -11.98 -23.61
CA SER A 155 -4.27 -12.11 -24.33
CA SER A 155 -4.27 -11.90 -24.31
C SER A 155 -4.11 -11.78 -25.83
C SER A 155 -4.09 -11.78 -25.81
N GLY A 156 -3.13 -10.96 -26.18
CA GLY A 156 -2.81 -10.69 -27.58
C GLY A 156 -2.31 -11.92 -28.33
N ILE A 157 -1.49 -12.71 -27.64
CA ILE A 157 -1.06 -14.00 -28.18
C ILE A 157 -2.27 -14.89 -28.42
N ILE A 158 -3.13 -15.01 -27.41
CA ILE A 158 -4.31 -15.83 -27.55
C ILE A 158 -5.19 -15.37 -28.71
N GLU A 159 -5.47 -14.07 -28.76
CA GLU A 159 -6.38 -13.53 -29.80
C GLU A 159 -5.80 -13.78 -31.20
N ALA A 160 -4.50 -13.57 -31.35
CA ALA A 160 -3.84 -13.80 -32.65
C ALA A 160 -3.88 -15.28 -33.06
N GLN A 161 -3.67 -16.18 -32.10
CA GLN A 161 -3.80 -17.59 -32.37
C GLN A 161 -5.23 -17.95 -32.80
N LEU A 162 -6.21 -17.44 -32.09
CA LEU A 162 -7.62 -17.69 -32.48
C LEU A 162 -7.89 -17.24 -33.92
N ARG A 163 -7.48 -16.03 -34.25
CA ARG A 163 -7.72 -15.48 -35.59
C ARG A 163 -7.03 -16.25 -36.68
N LYS A 164 -5.80 -16.69 -36.42
CA LYS A 164 -5.03 -17.41 -37.44
C LYS A 164 -5.32 -18.87 -37.57
N PHE A 165 -5.53 -19.52 -36.43
CA PHE A 165 -5.53 -20.98 -36.33
C PHE A 165 -6.86 -21.57 -35.86
N GLY A 166 -7.73 -20.74 -35.30
CA GLY A 166 -9.00 -21.21 -34.77
C GLY A 166 -8.87 -21.91 -33.43
N LYS A 167 -7.73 -21.74 -32.77
CA LYS A 167 -7.48 -22.40 -31.49
C LYS A 167 -6.33 -21.65 -30.84
N ALA A 168 -6.12 -21.85 -29.55
CA ALA A 168 -5.09 -21.12 -28.80
C ALA A 168 -4.52 -21.98 -27.71
N ASP A 169 -3.28 -21.69 -27.36
CA ASP A 169 -2.60 -22.47 -26.34
C ASP A 169 -1.44 -21.63 -25.87
N LEU A 170 -1.27 -21.55 -24.57
CA LEU A 170 0.01 -21.10 -24.05
C LEU A 170 0.23 -21.55 -22.64
N THR A 171 1.50 -21.52 -22.31
CA THR A 171 1.97 -21.94 -21.02
C THR A 171 2.90 -20.84 -20.49
N VAL A 172 2.69 -20.41 -19.25
CA VAL A 172 3.63 -19.58 -18.52
C VAL A 172 4.23 -20.52 -17.50
N VAL A 173 5.51 -20.82 -17.67
CA VAL A 173 6.18 -21.81 -16.84
C VAL A 173 6.56 -21.25 -15.46
N GLY A 174 6.65 -19.93 -15.35
CA GLY A 174 6.92 -19.29 -14.08
C GLY A 174 6.88 -17.80 -14.21
N GLN A 175 6.81 -17.16 -13.06
CA GLN A 175 6.77 -15.72 -12.93
C GLN A 175 7.73 -15.31 -11.84
N GLY A 176 8.54 -14.30 -12.13
CA GLY A 176 9.40 -13.69 -11.13
C GLY A 176 9.17 -12.19 -11.10
N TRP A 177 9.69 -11.54 -10.06
CA TRP A 177 9.42 -10.14 -9.80
C TRP A 177 10.76 -9.42 -9.78
N GLY A 178 10.93 -8.46 -10.68
CA GLY A 178 12.23 -7.83 -10.87
C GLY A 178 12.31 -6.36 -10.57
N HIS A 179 11.22 -5.78 -10.08
CA HIS A 179 11.23 -4.41 -9.53
C HIS A 179 11.63 -3.33 -10.54
N TRP A 180 11.39 -3.63 -11.82
CA TRP A 180 11.59 -2.68 -12.94
C TRP A 180 13.03 -2.43 -13.29
N ASN A 181 13.96 -3.20 -12.73
CA ASN A 181 15.34 -2.90 -13.00
C ASN A 181 16.17 -4.11 -13.40
N ASP A 182 17.35 -3.81 -13.90
CA ASP A 182 18.24 -4.79 -14.45
C ASP A 182 18.62 -5.90 -13.45
N GLU A 183 19.02 -5.48 -12.25
CA GLU A 183 19.45 -6.42 -11.22
C GLU A 183 18.31 -7.37 -10.81
N GLY A 184 17.13 -6.78 -10.66
CA GLY A 184 15.91 -7.53 -10.35
C GLY A 184 15.60 -8.56 -11.42
N GLY A 185 15.72 -8.15 -12.68
CA GLY A 185 15.45 -9.08 -13.78
C GLY A 185 16.43 -10.22 -13.87
N LEU A 186 17.68 -9.86 -13.63
CA LEU A 186 18.74 -10.85 -13.64
C LEU A 186 18.50 -11.95 -12.59
N LYS A 187 18.23 -11.52 -11.37
CA LYS A 187 18.02 -12.45 -10.25
C LYS A 187 16.75 -13.31 -10.48
N ALA A 188 15.69 -12.65 -10.92
CA ALA A 188 14.45 -13.40 -11.17
C ALA A 188 14.66 -14.43 -12.27
N MET A 189 15.38 -14.03 -13.31
CA MET A 189 15.62 -14.96 -14.40
C MET A 189 16.50 -16.14 -13.99
N GLU A 190 17.51 -15.87 -13.17
CA GLU A 190 18.34 -16.98 -12.64
C GLU A 190 17.47 -18.08 -12.02
N ASP A 191 16.54 -17.65 -11.18
CA ASP A 191 15.62 -18.59 -10.51
C ASP A 191 14.76 -19.36 -11.52
N LEU A 192 14.25 -18.62 -12.49
CA LEU A 192 13.41 -19.22 -13.50
C LEU A 192 14.14 -20.27 -14.35
N LEU A 193 15.40 -19.96 -14.66
CA LEU A 193 16.22 -20.88 -15.41
C LEU A 193 16.52 -22.17 -14.65
N VAL A 194 16.77 -22.06 -13.34
CA VAL A 194 17.02 -23.26 -12.54
C VAL A 194 15.76 -24.12 -12.48
N ALA A 195 14.62 -23.45 -12.34
CA ALA A 195 13.34 -24.11 -12.15
C ALA A 195 12.80 -24.77 -13.41
N ASN A 196 13.17 -24.26 -14.59
CA ASN A 196 12.49 -24.65 -15.82
C ASN A 196 13.45 -24.89 -16.95
N LYS A 197 13.48 -26.11 -17.46
CA LYS A 197 14.42 -26.44 -18.55
C LYS A 197 13.90 -26.22 -19.96
N ASP A 198 12.60 -25.93 -20.07
N ASP A 198 12.63 -25.79 -20.08
CA ASP A 198 11.95 -25.72 -21.36
CA ASP A 198 11.88 -25.78 -21.37
C ASP A 198 11.29 -24.38 -21.28
C ASP A 198 11.47 -24.41 -21.97
N ILE A 199 12.10 -23.36 -21.48
CA ILE A 199 11.67 -21.99 -21.75
C ILE A 199 12.03 -21.63 -23.18
N ASN A 200 11.07 -21.08 -23.93
CA ASN A 200 11.38 -20.58 -25.28
C ASN A 200 11.01 -19.12 -25.54
N MET A 201 10.55 -18.45 -24.49
CA MET A 201 10.21 -17.02 -24.59
C MET A 201 10.27 -16.41 -23.20
N VAL A 202 10.83 -15.21 -23.12
CA VAL A 202 10.74 -14.39 -21.95
C VAL A 202 9.80 -13.24 -22.27
N LEU A 203 8.86 -13.00 -21.37
CA LEU A 203 7.97 -11.83 -21.44
C LEU A 203 8.29 -10.93 -20.27
N GLY A 204 8.75 -9.72 -20.55
CA GLY A 204 9.01 -8.73 -19.48
C GLY A 204 8.07 -7.54 -19.52
N GLU A 205 7.72 -7.07 -18.33
CA GLU A 205 6.89 -5.88 -18.21
C GLU A 205 7.62 -4.55 -18.45
N ASN A 206 8.95 -4.61 -18.49
CA ASN A 206 9.77 -3.53 -19.06
C ASN A 206 11.04 -4.10 -19.66
N ASP A 207 11.77 -3.26 -20.39
CA ASP A 207 13.02 -3.69 -20.99
C ASP A 207 14.13 -3.88 -19.98
N SER A 208 14.19 -3.02 -18.97
CA SER A 208 15.31 -3.06 -18.01
C SER A 208 15.42 -4.49 -17.42
N MET A 209 14.27 -5.06 -17.04
CA MET A 209 14.30 -6.43 -16.49
C MET A 209 14.75 -7.46 -17.53
N VAL A 210 14.27 -7.32 -18.76
CA VAL A 210 14.64 -8.28 -19.81
C VAL A 210 16.14 -8.21 -20.13
N LEU A 211 16.68 -7.00 -20.12
CA LEU A 211 18.12 -6.81 -20.36
C LEU A 211 18.96 -7.50 -19.29
N GLY A 212 18.51 -7.42 -18.03
CA GLY A 212 19.22 -8.13 -16.96
C GLY A 212 19.04 -9.64 -17.15
N ALA A 213 17.82 -10.06 -17.51
CA ALA A 213 17.54 -11.49 -17.78
C ALA A 213 18.41 -12.08 -18.90
N ARG A 214 18.67 -11.26 -19.90
CA ARG A 214 19.48 -11.72 -21.03
C ARG A 214 20.89 -12.11 -20.55
N ARG A 215 21.43 -11.40 -19.56
CA ARG A 215 22.73 -11.73 -18.99
C ARG A 215 22.69 -13.08 -18.27
N ALA A 216 21.61 -13.37 -17.54
CA ALA A 216 21.46 -14.69 -16.88
C ALA A 216 21.36 -15.82 -17.91
N ILE A 217 20.65 -15.53 -19.00
CA ILE A 217 20.46 -16.49 -20.08
C ILE A 217 21.81 -16.81 -20.75
N GLU A 218 22.55 -15.76 -21.05
CA GLU A 218 23.85 -15.89 -21.70
C GLU A 218 24.83 -16.63 -20.77
N SER A 219 24.80 -16.31 -19.47
CA SER A 219 25.68 -17.02 -18.52
C SER A 219 25.36 -18.49 -18.42
N ALA A 220 24.07 -18.81 -18.49
CA ALA A 220 23.63 -20.21 -18.42
C ALA A 220 23.83 -20.97 -19.73
N GLY A 221 24.16 -20.26 -20.81
CA GLY A 221 24.25 -20.89 -22.12
C GLY A 221 22.95 -21.42 -22.71
N ARG A 222 21.84 -20.82 -22.31
CA ARG A 222 20.53 -21.32 -22.74
C ARG A 222 20.18 -20.63 -24.06
N THR A 223 19.93 -21.46 -25.06
CA THR A 223 19.67 -21.04 -26.42
C THR A 223 18.17 -21.09 -26.72
N GLY A 224 17.79 -20.44 -27.81
CA GLY A 224 16.44 -20.55 -28.35
C GLY A 224 15.35 -19.77 -27.64
N ILE A 225 15.73 -18.74 -26.89
CA ILE A 225 14.74 -17.99 -26.12
C ILE A 225 14.47 -16.63 -26.77
N LEU A 226 13.22 -16.43 -27.19
CA LEU A 226 12.76 -15.18 -27.76
C LEU A 226 12.49 -14.16 -26.67
N LEU A 227 13.08 -12.97 -26.80
CA LEU A 227 12.89 -11.91 -25.82
C LEU A 227 11.81 -10.94 -26.27
N VAL A 228 10.80 -10.79 -25.41
CA VAL A 228 9.63 -9.98 -25.66
C VAL A 228 9.40 -9.06 -24.49
N ALA A 229 9.23 -7.76 -24.77
CA ALA A 229 8.89 -6.79 -23.75
C ALA A 229 7.63 -6.05 -24.10
N ALA A 230 6.85 -5.69 -23.09
CA ALA A 230 5.62 -4.92 -23.30
C ALA A 230 5.82 -3.41 -23.30
N ALA A 231 7.04 -2.99 -22.96
CA ALA A 231 7.42 -1.59 -22.67
C ALA A 231 8.95 -1.66 -22.46
N ASP A 232 9.74 -0.59 -22.62
CA ASP A 232 9.38 0.79 -22.87
C ASP A 232 9.96 1.36 -24.19
N ALA A 233 10.78 0.58 -24.88
CA ALA A 233 11.68 1.01 -25.98
C ALA A 233 12.92 1.72 -25.44
N GLN A 234 13.49 1.14 -24.39
CA GLN A 234 14.78 1.58 -23.84
C GLN A 234 15.88 1.37 -24.91
N LYS A 235 16.84 2.31 -24.98
CA LYS A 235 17.76 2.31 -26.13
C LYS A 235 18.60 1.02 -26.22
N GLU A 236 18.99 0.45 -25.09
CA GLU A 236 19.78 -0.77 -25.08
C GLU A 236 18.98 -1.95 -25.65
N ALA A 237 17.68 -1.97 -25.39
CA ALA A 237 16.81 -3.00 -26.01
C ALA A 237 16.69 -2.79 -27.51
N LEU A 238 16.48 -1.52 -27.90
CA LEU A 238 16.40 -1.17 -29.32
C LEU A 238 17.66 -1.58 -30.07
N ALA A 239 18.82 -1.36 -29.47
CA ALA A 239 20.06 -1.78 -30.12
C ALA A 239 20.09 -3.26 -30.38
N LEU A 240 19.63 -4.05 -29.41
CA LEU A 240 19.60 -5.50 -29.57
C LEU A 240 18.55 -5.95 -30.57
N ILE A 241 17.41 -5.26 -30.60
CA ILE A 241 16.37 -5.53 -31.60
C ILE A 241 16.95 -5.33 -33.03
N LYS A 242 17.71 -4.25 -33.21
CA LYS A 242 18.35 -3.94 -34.50
C LYS A 242 19.30 -5.06 -34.96
N GLN A 243 19.94 -5.71 -33.97
CA GLN A 243 20.89 -6.81 -34.20
C GLN A 243 20.27 -8.18 -34.30
N GLY A 244 18.96 -8.26 -34.12
CA GLY A 244 18.28 -9.55 -34.12
C GLY A 244 18.39 -10.38 -32.86
N LYS A 245 18.80 -9.74 -31.76
CA LYS A 245 19.09 -10.40 -30.48
C LYS A 245 18.01 -10.18 -29.44
N TYR A 246 16.91 -9.56 -29.84
CA TYR A 246 15.81 -9.23 -28.93
C TYR A 246 14.62 -9.09 -29.88
N GLY A 247 13.45 -9.60 -29.52
CA GLY A 247 12.37 -9.68 -30.50
C GLY A 247 11.56 -8.40 -30.69
N VAL A 248 11.10 -7.83 -29.60
CA VAL A 248 10.09 -6.75 -29.68
C VAL A 248 10.00 -6.02 -28.35
N THR A 249 9.59 -4.74 -28.43
CA THR A 249 9.23 -3.99 -27.25
C THR A 249 8.04 -3.10 -27.58
N GLY A 250 7.46 -2.55 -26.54
CA GLY A 250 6.36 -1.58 -26.64
C GLY A 250 6.79 -0.18 -26.33
N LEU A 251 6.13 0.78 -26.96
CA LEU A 251 6.57 2.15 -26.83
C LEU A 251 5.98 2.85 -25.60
N ASN A 252 6.90 3.30 -24.74
CA ASN A 252 6.57 4.09 -23.56
C ASN A 252 7.71 5.04 -23.33
N ASP A 253 7.64 6.21 -23.99
CA ASP A 253 8.73 7.18 -23.99
C ASP A 253 8.58 8.08 -22.77
N PRO A 254 9.55 7.98 -21.83
CA PRO A 254 9.36 8.72 -20.58
C PRO A 254 9.33 10.22 -20.80
N ALA A 255 10.11 10.70 -21.76
CA ALA A 255 10.19 12.13 -22.03
C ALA A 255 8.93 12.62 -22.72
N LEU A 256 8.41 11.84 -23.67
CA LEU A 256 7.14 12.18 -24.30
C LEU A 256 6.01 12.25 -23.28
N VAL A 257 5.94 11.27 -22.41
CA VAL A 257 4.92 11.29 -21.36
C VAL A 257 5.02 12.60 -20.55
N ALA A 258 6.24 12.96 -20.15
CA ALA A 258 6.42 14.16 -19.34
C ALA A 258 6.05 15.41 -20.14
N ARG A 259 6.53 15.51 -21.37
CA ARG A 259 6.25 16.71 -22.17
C ARG A 259 4.77 16.88 -22.44
N THR A 260 4.11 15.77 -22.72
CA THR A 260 2.68 15.77 -23.01
C THR A 260 1.92 16.30 -21.80
N ALA A 261 2.30 15.82 -20.62
CA ALA A 261 1.64 16.24 -19.39
C ALA A 261 1.88 17.72 -19.05
N ILE A 262 3.13 18.15 -19.18
CA ILE A 262 3.48 19.56 -18.93
C ILE A 262 2.73 20.49 -19.90
N ASP A 263 2.75 20.16 -21.19
CA ASP A 263 2.16 21.04 -22.20
C ASP A 263 0.66 21.14 -21.97
N LEU A 264 0.01 20.00 -21.78
CA LEU A 264 -1.43 19.99 -21.56
C LEU A 264 -1.79 20.69 -20.24
N GLY A 265 -1.00 20.42 -19.21
CA GLY A 265 -1.25 21.04 -17.91
C GLY A 265 -1.14 22.55 -17.96
N VAL A 266 -0.13 23.06 -18.65
CA VAL A 266 0.04 24.51 -18.76
C VAL A 266 -1.16 25.10 -19.52
N LYS A 267 -1.57 24.47 -20.61
CA LYS A 267 -2.72 24.95 -21.36
C LYS A 267 -3.97 25.01 -20.48
N VAL A 268 -4.17 23.99 -19.64
CA VAL A 268 -5.32 23.96 -18.71
C VAL A 268 -5.24 25.11 -17.69
N VAL A 269 -4.09 25.29 -17.06
CA VAL A 269 -3.91 26.40 -16.13
C VAL A 269 -4.23 27.73 -16.79
N LYS A 270 -3.80 27.88 -18.04
CA LYS A 270 -3.97 29.14 -18.76
C LYS A 270 -5.36 29.30 -19.35
N GLY A 271 -6.21 28.28 -19.27
CA GLY A 271 -7.58 28.41 -19.80
C GLY A 271 -7.64 28.28 -21.32
N GLU A 272 -6.59 27.70 -21.89
CA GLU A 272 -6.44 27.61 -23.36
C GLU A 272 -7.09 26.38 -23.93
N VAL A 273 -7.45 25.48 -23.03
CA VAL A 273 -8.03 24.22 -23.38
C VAL A 273 -8.99 23.85 -22.27
N LYS A 274 -10.12 23.23 -22.63
CA LYS A 274 -11.05 22.75 -21.62
C LYS A 274 -11.63 21.41 -22.05
N ASP A 275 -12.33 20.75 -21.14
CA ASP A 275 -12.99 19.45 -21.38
C ASP A 275 -11.99 18.42 -21.86
N VAL A 276 -10.86 18.42 -21.19
CA VAL A 276 -9.79 17.48 -21.48
C VAL A 276 -10.26 16.06 -21.11
N PRO A 277 -10.02 15.08 -21.99
CA PRO A 277 -10.38 13.73 -21.59
C PRO A 277 -9.58 13.32 -20.37
N LYS A 278 -10.19 12.49 -19.54
CA LYS A 278 -9.53 12.06 -18.29
C LYS A 278 -8.43 11.01 -18.48
N GLN A 279 -8.34 10.42 -19.67
CA GLN A 279 -7.27 9.54 -20.02
C GLN A 279 -6.65 10.02 -21.33
N THR A 280 -5.32 10.22 -21.31
CA THR A 280 -4.55 10.71 -22.46
C THR A 280 -3.43 9.72 -22.72
N LEU A 281 -3.63 8.84 -23.70
CA LEU A 281 -2.68 7.77 -23.97
C LEU A 281 -1.73 8.20 -25.07
N THR A 282 -0.45 7.94 -24.90
CA THR A 282 0.50 8.19 -25.97
C THR A 282 0.38 7.12 -27.05
N THR A 283 0.86 7.44 -28.24
CA THR A 283 0.73 6.56 -29.38
C THR A 283 1.27 5.15 -29.10
N PRO A 284 0.48 4.12 -29.40
CA PRO A 284 1.00 2.78 -29.24
C PRO A 284 1.90 2.35 -30.37
N ALA A 285 2.83 1.47 -30.06
CA ALA A 285 3.64 0.84 -31.09
C ALA A 285 4.29 -0.42 -30.55
N ALA A 286 4.34 -1.44 -31.40
CA ALA A 286 5.25 -2.58 -31.24
C ALA A 286 6.47 -2.27 -32.11
N ILE A 287 7.65 -2.36 -31.50
CA ILE A 287 8.92 -2.02 -32.17
C ILE A 287 9.73 -3.29 -32.29
N THR A 288 10.06 -3.60 -33.54
CA THR A 288 10.73 -4.83 -33.95
C THR A 288 11.88 -4.49 -34.89
N LYS A 289 12.57 -5.50 -35.41
CA LYS A 289 13.70 -5.22 -36.32
C LYS A 289 13.24 -4.43 -37.56
N GLY A 290 11.99 -4.59 -37.97
CA GLY A 290 11.50 -3.88 -39.14
C GLY A 290 11.46 -2.36 -39.02
N ASN A 291 10.98 -1.88 -37.88
CA ASN A 291 10.75 -0.47 -37.67
C ASN A 291 11.67 0.18 -36.64
N VAL A 292 12.61 -0.57 -36.11
CA VAL A 292 13.46 -0.02 -35.03
C VAL A 292 14.24 1.20 -35.44
N ASP A 293 14.63 1.29 -36.70
CA ASP A 293 15.45 2.43 -37.11
C ASP A 293 14.73 3.79 -36.88
N LYS A 294 13.41 3.79 -36.93
CA LYS A 294 12.64 5.02 -36.65
C LYS A 294 12.82 5.50 -35.21
N PHE A 295 13.03 4.55 -34.31
CA PHE A 295 13.00 4.83 -32.89
C PHE A 295 14.34 4.86 -32.20
N TYR A 296 15.36 4.25 -32.80
CA TYR A 296 16.63 4.04 -32.09
C TYR A 296 17.60 5.20 -32.24
N ASN A 297 17.96 5.79 -31.10
CA ASN A 297 18.99 6.81 -31.04
C ASN A 297 19.99 6.38 -29.99
N PRO A 298 21.19 6.00 -30.41
CA PRO A 298 22.19 5.55 -29.45
C PRO A 298 22.63 6.65 -28.47
N LYS A 299 22.33 7.89 -28.79
CA LYS A 299 22.73 9.00 -27.95
C LYS A 299 21.55 9.52 -27.10
N ALA A 300 20.45 8.77 -27.07
CA ALA A 300 19.27 9.18 -26.29
C ALA A 300 19.55 9.08 -24.80
N VAL A 301 18.76 9.85 -24.06
CA VAL A 301 18.76 9.83 -22.59
C VAL A 301 18.36 8.45 -22.07
N PHE A 302 17.34 7.89 -22.69
CA PHE A 302 16.79 6.63 -22.26
C PHE A 302 16.65 5.69 -23.42
N GLY B 6 -34.40 -14.88 6.70
CA GLY B 6 -34.03 -16.32 6.78
C GLY B 6 -32.56 -16.54 7.07
N ALA B 7 -32.06 -17.70 6.66
CA ALA B 7 -30.68 -18.04 6.86
C ALA B 7 -29.94 -17.23 5.84
N PHE B 8 -28.82 -16.73 6.28
CA PHE B 8 -27.84 -16.12 5.40
C PHE B 8 -26.45 -16.45 5.94
N LYS B 9 -25.48 -16.29 5.08
CA LYS B 9 -24.05 -16.51 5.38
C LYS B 9 -23.39 -15.22 5.79
N ILE B 10 -22.48 -15.37 6.74
CA ILE B 10 -21.63 -14.26 7.19
C ILE B 10 -20.21 -14.55 6.75
N GLY B 11 -19.54 -13.54 6.18
CA GLY B 11 -18.14 -13.65 5.84
C GLY B 11 -17.30 -12.84 6.81
N VAL B 12 -16.15 -13.40 7.17
CA VAL B 12 -15.19 -12.69 7.98
C VAL B 12 -13.85 -12.71 7.26
N SER B 13 -13.42 -11.54 6.83
CA SER B 13 -12.14 -11.36 6.16
C SER B 13 -11.15 -10.65 7.05
N MET B 14 -10.15 -11.39 7.50
CA MET B 14 -9.07 -10.85 8.33
C MET B 14 -7.84 -10.52 7.50
N LYS B 15 -7.22 -9.37 7.77
CA LYS B 15 -5.99 -8.98 7.08
C LYS B 15 -4.86 -9.97 7.37
N THR B 16 -4.82 -10.48 8.58
CA THR B 16 -3.81 -11.43 9.02
C THR B 16 -4.30 -12.08 10.31
N LEU B 17 -3.65 -13.16 10.70
CA LEU B 17 -3.88 -13.82 12.02
C LEU B 17 -2.60 -13.92 12.84
N SER B 18 -1.58 -13.17 12.45
CA SER B 18 -0.24 -13.39 12.99
C SER B 18 0.18 -12.47 14.19
N ALA B 19 -0.80 -12.07 14.97
CA ALA B 19 -0.58 -11.49 16.32
C ALA B 19 -1.76 -11.98 17.19
N PRO B 20 -1.58 -12.03 18.53
CA PRO B 20 -2.63 -12.64 19.36
C PRO B 20 -3.99 -11.96 19.23
N TYR B 21 -4.00 -10.64 19.12
CA TYR B 21 -5.24 -9.92 18.97
C TYR B 21 -6.04 -10.43 17.78
N PHE B 22 -5.37 -10.63 16.63
CA PHE B 22 -6.05 -11.01 15.41
C PHE B 22 -6.61 -12.41 15.50
N ALA B 23 -5.82 -13.32 16.07
CA ALA B 23 -6.29 -14.68 16.22
C ALA B 23 -7.54 -14.75 17.11
N ALA B 24 -7.52 -13.97 18.20
CA ALA B 24 -8.63 -13.95 19.11
C ALA B 24 -9.88 -13.31 18.46
N GLN B 25 -9.66 -12.25 17.69
CA GLN B 25 -10.74 -11.57 17.00
C GLN B 25 -11.46 -12.52 16.01
N MET B 26 -10.67 -13.24 15.24
CA MET B 26 -11.23 -14.18 14.25
C MET B 26 -12.08 -15.23 14.94
N GLU B 27 -11.54 -15.83 15.99
CA GLU B 27 -12.29 -16.84 16.69
C GLU B 27 -13.58 -16.30 17.31
N ALA B 28 -13.53 -15.09 17.87
CA ALA B 28 -14.72 -14.49 18.43
C ALA B 28 -15.76 -14.22 17.36
N ALA B 29 -15.33 -13.77 16.18
CA ALA B 29 -16.27 -13.52 15.12
C ALA B 29 -16.96 -14.80 14.66
N LYS B 30 -16.16 -15.83 14.45
CA LYS B 30 -16.68 -17.14 14.07
C LYS B 30 -17.68 -17.61 15.12
N ALA B 31 -17.31 -17.50 16.39
CA ALA B 31 -18.13 -17.99 17.47
C ALA B 31 -19.47 -17.23 17.57
N ARG B 32 -19.42 -15.90 17.42
CA ARG B 32 -20.63 -15.13 17.57
C ARG B 32 -21.60 -15.39 16.43
N GLY B 33 -21.11 -15.48 15.21
CA GLY B 33 -22.00 -15.78 14.10
C GLY B 33 -22.71 -17.10 14.31
N LYS B 34 -21.95 -18.11 14.72
CA LYS B 34 -22.53 -19.43 14.99
CA LYS B 34 -22.51 -19.44 15.01
C LYS B 34 -23.57 -19.38 16.12
N GLU B 35 -23.23 -18.70 17.21
CA GLU B 35 -24.12 -18.55 18.34
C GLU B 35 -25.48 -17.97 17.92
N LEU B 36 -25.46 -17.01 17.00
CA LEU B 36 -26.69 -16.35 16.51
C LEU B 36 -27.42 -17.18 15.45
N GLY B 37 -26.82 -18.29 15.04
CA GLY B 37 -27.46 -19.24 14.16
C GLY B 37 -27.05 -19.19 12.71
N TYR B 38 -25.88 -18.65 12.40
CA TYR B 38 -25.44 -18.45 11.00
C TYR B 38 -24.15 -19.17 10.65
N GLU B 39 -24.08 -19.59 9.40
CA GLU B 39 -22.86 -20.12 8.80
C GLU B 39 -21.87 -18.98 8.60
N VAL B 40 -20.66 -19.19 9.06
CA VAL B 40 -19.59 -18.21 8.90
C VAL B 40 -18.51 -18.76 7.98
N LEU B 41 -18.25 -18.02 6.92
CA LEU B 41 -17.13 -18.28 6.01
C LEU B 41 -16.01 -17.32 6.34
N ALA B 42 -14.81 -17.84 6.56
CA ALA B 42 -13.71 -17.05 7.09
C ALA B 42 -12.46 -17.12 6.21
N THR B 43 -11.80 -15.99 6.01
CA THR B 43 -10.59 -15.96 5.22
C THR B 43 -9.50 -15.15 5.92
N ASP B 44 -8.26 -15.58 5.70
CA ASP B 44 -7.04 -14.94 6.24
C ASP B 44 -6.19 -14.50 5.06
N ALA B 45 -5.95 -13.20 4.94
CA ALA B 45 -5.18 -12.63 3.83
C ALA B 45 -3.66 -12.76 4.01
N GLN B 46 -3.23 -13.22 5.18
CA GLN B 46 -1.82 -13.51 5.44
C GLN B 46 -0.97 -12.24 5.26
N GLY B 47 -1.56 -11.09 5.61
CA GLY B 47 -0.91 -9.80 5.52
C GLY B 47 -0.76 -9.19 4.14
N LYS B 48 -1.39 -9.79 3.14
CA LYS B 48 -1.24 -9.39 1.75
C LYS B 48 -2.53 -8.71 1.25
N LEU B 49 -2.43 -7.42 0.95
CA LEU B 49 -3.55 -6.64 0.40
C LEU B 49 -4.19 -7.32 -0.82
N GLN B 50 -3.37 -7.76 -1.76
CA GLN B 50 -3.90 -8.35 -2.97
C GLN B 50 -4.71 -9.63 -2.69
N LYS B 51 -4.24 -10.42 -1.73
CA LYS B 51 -5.00 -11.60 -1.32
C LYS B 51 -6.32 -11.21 -0.65
N GLN B 52 -6.28 -10.15 0.18
CA GLN B 52 -7.53 -9.73 0.84
C GLN B 52 -8.57 -9.27 -0.17
N ILE B 53 -8.14 -8.59 -1.24
CA ILE B 53 -9.09 -8.18 -2.28
C ILE B 53 -9.75 -9.43 -2.88
N SER B 54 -8.92 -10.41 -3.21
CA SER B 54 -9.37 -11.68 -3.75
C SER B 54 -10.30 -12.44 -2.79
N ASP B 55 -9.98 -12.37 -1.52
CA ASP B 55 -10.76 -13.02 -0.48
C ASP B 55 -12.16 -12.41 -0.38
N VAL B 56 -12.23 -11.09 -0.40
CA VAL B 56 -13.51 -10.38 -0.39
C VAL B 56 -14.36 -10.80 -1.61
N GLU B 57 -13.77 -10.76 -2.80
CA GLU B 57 -14.49 -11.11 -4.01
C GLU B 57 -15.02 -12.55 -3.94
N ASP B 58 -14.21 -13.44 -3.37
CA ASP B 58 -14.60 -14.84 -3.20
C ASP B 58 -15.80 -14.96 -2.24
N LEU B 59 -15.72 -14.24 -1.13
CA LEU B 59 -16.80 -14.32 -0.16
C LEU B 59 -18.09 -13.77 -0.76
N VAL B 60 -18.00 -12.72 -1.56
CA VAL B 60 -19.22 -12.13 -2.14
C VAL B 60 -19.82 -13.12 -3.13
N THR B 61 -19.02 -13.71 -4.03
CA THR B 61 -19.64 -14.70 -4.93
C THR B 61 -20.13 -15.99 -4.24
N ARG B 62 -19.54 -16.33 -3.09
CA ARG B 62 -20.04 -17.43 -2.24
C ARG B 62 -21.36 -17.12 -1.50
N GLY B 63 -21.82 -15.88 -1.62
CA GLY B 63 -23.15 -15.47 -1.19
C GLY B 63 -23.24 -14.87 0.19
N VAL B 64 -22.15 -14.35 0.75
CA VAL B 64 -22.32 -13.75 2.06
C VAL B 64 -23.21 -12.52 1.96
N LYS B 65 -24.05 -12.36 2.97
CA LYS B 65 -24.94 -11.21 3.09
C LYS B 65 -24.39 -10.14 4.03
N LEU B 66 -23.55 -10.57 4.95
CA LEU B 66 -22.89 -9.71 5.90
C LEU B 66 -21.43 -10.02 5.79
N LEU B 67 -20.61 -8.99 5.59
CA LEU B 67 -19.17 -9.11 5.54
C LEU B 67 -18.54 -8.31 6.65
N ILE B 68 -17.80 -9.01 7.50
CA ILE B 68 -16.99 -8.40 8.57
C ILE B 68 -15.56 -8.35 8.07
N ILE B 69 -14.95 -7.16 8.00
CA ILE B 69 -13.62 -7.07 7.40
C ILE B 69 -12.70 -6.24 8.28
N ASN B 70 -11.54 -6.80 8.55
CA ASN B 70 -10.44 -6.07 9.19
C ASN B 70 -9.43 -5.78 8.10
N PRO B 71 -9.43 -4.55 7.55
CA PRO B 71 -8.72 -4.28 6.28
C PRO B 71 -7.22 -4.12 6.43
N ALA B 72 -6.50 -4.69 5.48
CA ALA B 72 -5.02 -4.59 5.42
C ALA B 72 -4.54 -3.21 5.04
N ASP B 73 -5.40 -2.40 4.40
CA ASP B 73 -5.04 -1.06 3.98
C ASP B 73 -6.31 -0.24 3.93
N SER B 74 -6.24 1.01 4.38
CA SER B 74 -7.40 1.88 4.45
C SER B 74 -7.91 2.35 3.10
N GLU B 75 -7.01 2.34 2.12
CA GLU B 75 -7.31 2.82 0.78
C GLU B 75 -7.43 1.69 -0.24
N GLY B 76 -6.57 0.70 -0.13
CA GLY B 76 -6.50 -0.36 -1.11
C GLY B 76 -7.73 -1.24 -1.21
N LEU B 77 -8.53 -1.30 -0.14
CA LEU B 77 -9.76 -2.10 -0.10
C LEU B 77 -11.03 -1.33 -0.37
N VAL B 78 -10.92 -0.03 -0.66
CA VAL B 78 -12.12 0.78 -0.92
C VAL B 78 -12.91 0.23 -2.11
N ASN B 79 -12.24 -0.02 -3.22
CA ASN B 79 -12.96 -0.50 -4.41
C ASN B 79 -13.68 -1.82 -4.12
N ALA B 80 -13.01 -2.75 -3.45
CA ALA B 80 -13.64 -4.06 -3.19
C ALA B 80 -14.83 -3.96 -2.23
N VAL B 81 -14.71 -3.11 -1.22
CA VAL B 81 -15.83 -2.91 -0.32
C VAL B 81 -16.99 -2.20 -1.03
N ASN B 82 -16.69 -1.18 -1.83
CA ASN B 82 -17.73 -0.51 -2.61
C ASN B 82 -18.48 -1.51 -3.49
N ASN B 83 -17.74 -2.43 -4.09
CA ASN B 83 -18.38 -3.43 -4.98
C ASN B 83 -19.24 -4.41 -4.21
N ALA B 84 -18.74 -4.84 -3.06
CA ALA B 84 -19.51 -5.70 -2.19
C ALA B 84 -20.82 -5.01 -1.80
N SER B 85 -20.74 -3.76 -1.35
CA SER B 85 -21.96 -3.04 -0.95
C SER B 85 -22.90 -2.84 -2.13
N ALA B 86 -22.35 -2.57 -3.31
CA ALA B 86 -23.17 -2.40 -4.51
C ALA B 86 -23.88 -3.69 -4.94
N ASN B 87 -23.33 -4.83 -4.51
CA ASN B 87 -23.94 -6.13 -4.75
C ASN B 87 -24.83 -6.63 -3.60
N GLY B 88 -25.19 -5.69 -2.72
CA GLY B 88 -26.16 -5.99 -1.66
C GLY B 88 -25.60 -6.49 -0.35
N VAL B 89 -24.29 -6.61 -0.25
CA VAL B 89 -23.66 -7.06 0.98
C VAL B 89 -23.63 -5.92 1.98
N LYS B 90 -24.00 -6.23 3.23
CA LYS B 90 -23.82 -5.26 4.29
C LYS B 90 -22.43 -5.46 4.86
N VAL B 91 -21.63 -4.40 4.83
CA VAL B 91 -20.24 -4.47 5.23
C VAL B 91 -20.00 -3.72 6.55
N VAL B 92 -19.40 -4.41 7.52
CA VAL B 92 -18.98 -3.81 8.78
C VAL B 92 -17.48 -3.93 8.84
N VAL B 93 -16.80 -2.81 8.96
CA VAL B 93 -15.34 -2.79 9.04
C VAL B 93 -14.97 -2.88 10.51
N ILE B 94 -13.99 -3.69 10.85
CA ILE B 94 -13.53 -3.86 12.23
C ILE B 94 -12.07 -3.55 12.41
N ASP B 95 -11.79 -2.83 13.51
CA ASP B 95 -10.45 -2.66 14.10
C ASP B 95 -9.58 -1.71 13.28
N SER B 96 -9.08 -2.18 12.14
CA SER B 96 -8.30 -1.29 11.26
C SER B 96 -9.22 -0.38 10.48
N THR B 97 -8.76 0.85 10.24
CA THR B 97 -9.55 1.83 9.55
C THR B 97 -9.64 1.60 8.04
N LEU B 98 -10.86 1.74 7.53
CA LEU B 98 -11.08 1.91 6.11
C LEU B 98 -11.50 3.35 5.86
N ASN B 99 -11.04 3.90 4.75
CA ASN B 99 -11.39 5.24 4.36
C ASN B 99 -12.90 5.40 4.49
N PRO B 100 -13.34 6.38 5.29
CA PRO B 100 -14.78 6.53 5.53
C PRO B 100 -15.64 7.02 4.36
N ARG B 101 -15.02 7.40 3.26
CA ARG B 101 -15.76 7.72 2.04
C ARG B 101 -16.19 6.47 1.32
N ALA B 102 -15.69 5.30 1.72
CA ALA B 102 -16.19 4.06 1.16
C ALA B 102 -17.62 3.77 1.62
N ASN B 103 -18.32 2.93 0.87
CA ASN B 103 -19.70 2.64 1.17
C ASN B 103 -19.73 1.37 2.04
N PHE B 104 -19.96 1.58 3.33
CA PHE B 104 -20.14 0.46 4.26
C PHE B 104 -21.08 0.90 5.38
N VAL B 105 -21.55 -0.04 6.18
CA VAL B 105 -22.50 0.26 7.24
C VAL B 105 -21.88 1.07 8.39
N THR B 106 -20.84 0.50 8.99
CA THR B 106 -20.14 1.17 10.08
C THR B 106 -18.74 0.60 10.26
N GLN B 107 -17.91 1.38 10.94
CA GLN B 107 -16.59 0.99 11.39
C GLN B 107 -16.68 0.76 12.91
N VAL B 108 -16.44 -0.47 13.36
CA VAL B 108 -16.37 -0.79 14.77
C VAL B 108 -14.92 -0.85 15.12
N GLN B 109 -14.50 -0.07 16.09
CA GLN B 109 -13.11 -0.12 16.52
C GLN B 109 -13.00 0.44 17.92
N SER B 110 -11.84 0.18 18.50
CA SER B 110 -11.53 0.74 19.79
C SER B 110 -11.50 2.27 19.70
N SER B 111 -11.79 2.92 20.83
N SER B 111 -11.75 2.89 20.84
CA SER B 111 -11.78 4.39 20.91
CA SER B 111 -11.77 4.35 20.93
C SER B 111 -10.35 4.89 21.03
C SER B 111 -10.33 4.86 21.04
N ASN B 112 -9.61 4.85 19.93
CA ASN B 112 -8.16 5.04 19.99
C ASN B 112 -7.74 6.44 20.44
N SER B 113 -8.40 7.47 19.92
CA SER B 113 -8.02 8.84 20.30
C SER B 113 -8.33 9.13 21.76
N ILE B 114 -9.51 8.73 22.21
CA ILE B 114 -9.91 8.94 23.60
C ILE B 114 -9.06 8.09 24.54
N ASN B 115 -8.82 6.82 24.18
CA ASN B 115 -7.93 6.01 24.98
C ASN B 115 -6.56 6.70 25.11
N GLY B 116 -6.05 7.25 24.01
CA GLY B 116 -4.76 7.91 24.08
C GLY B 116 -4.79 9.09 25.02
N ALA B 117 -5.82 9.89 24.96
CA ALA B 117 -6.00 11.01 25.87
C ALA B 117 -6.04 10.52 27.32
N LEU B 118 -6.82 9.49 27.60
CA LEU B 118 -6.95 8.98 28.97
C LEU B 118 -5.63 8.43 29.51
N VAL B 119 -4.91 7.71 28.65
CA VAL B 119 -3.59 7.15 29.01
C VAL B 119 -2.58 8.27 29.24
N GLY B 120 -2.52 9.25 28.35
CA GLY B 120 -1.58 10.37 28.55
C GLY B 120 -1.87 11.19 29.80
N HIS B 121 -3.15 11.42 30.08
CA HIS B 121 -3.54 12.10 31.33
C HIS B 121 -3.05 11.31 32.52
N TRP B 122 -3.25 9.99 32.48
CA TRP B 122 -2.78 9.14 33.55
C TRP B 122 -1.27 9.26 33.76
N VAL B 123 -0.50 9.28 32.69
CA VAL B 123 0.94 9.38 32.82
C VAL B 123 1.28 10.61 33.69
N ILE B 124 0.62 11.73 33.44
CA ILE B 124 0.89 12.95 34.22
C ILE B 124 0.37 12.84 35.64
N GLU B 125 -0.75 12.19 35.86
CA GLU B 125 -1.17 11.89 37.22
C GLU B 125 -0.11 11.09 37.98
N GLU B 126 0.61 10.21 37.26
CA GLU B 126 1.59 9.32 37.86
C GLU B 126 2.94 9.98 38.11
N VAL B 127 3.45 10.70 37.11
CA VAL B 127 4.79 11.26 37.16
C VAL B 127 4.87 12.76 37.40
N GLY B 128 3.74 13.44 37.35
CA GLY B 128 3.74 14.89 37.55
C GLY B 128 4.62 15.61 36.56
N ASN B 129 5.47 16.49 37.09
CA ASN B 129 6.39 17.36 36.33
C ASN B 129 7.64 16.68 35.80
N LYS B 130 7.77 15.37 36.00
CA LYS B 130 8.97 14.65 35.60
C LYS B 130 9.28 14.89 34.12
N SER B 131 10.54 15.18 33.80
N SER B 131 10.57 15.03 33.83
CA SER B 131 10.94 15.33 32.40
CA SER B 131 11.09 15.23 32.48
C SER B 131 10.99 13.96 31.75
C SER B 131 11.02 13.90 31.75
N LEU B 132 10.12 13.79 30.78
CA LEU B 132 9.92 12.51 30.08
C LEU B 132 10.84 12.34 28.91
N LYS B 133 11.45 11.15 28.84
CA LYS B 133 12.38 10.74 27.78
C LYS B 133 11.83 9.45 27.21
N ILE B 134 11.10 9.54 26.11
CA ILE B 134 10.22 8.45 25.66
C ILE B 134 10.83 7.67 24.51
N ALA B 135 10.86 6.34 24.65
CA ALA B 135 11.14 5.42 23.55
C ALA B 135 9.82 4.91 23.00
N LEU B 136 9.60 5.15 21.72
CA LEU B 136 8.33 4.88 21.07
C LEU B 136 8.41 3.60 20.25
N LEU B 137 7.48 2.69 20.50
CA LEU B 137 7.35 1.46 19.72
C LEU B 137 6.09 1.52 18.90
N SER B 138 6.24 1.68 17.59
CA SER B 138 5.13 1.84 16.69
C SER B 138 4.88 0.56 15.92
N GLY B 139 3.65 0.38 15.45
CA GLY B 139 3.26 -0.86 14.80
C GLY B 139 3.78 -1.03 13.38
N GLU B 140 3.23 -0.22 12.49
CA GLU B 140 3.46 -0.40 11.06
C GLU B 140 3.41 0.96 10.38
N LYS B 141 4.40 1.21 9.54
CA LYS B 141 4.47 2.47 8.82
C LYS B 141 3.23 2.65 7.97
N GLY B 142 2.64 3.83 8.06
CA GLY B 142 1.42 4.15 7.35
C GLY B 142 0.10 3.77 8.01
N ASN B 143 0.17 3.11 9.16
CA ASN B 143 -1.07 2.64 9.80
C ASN B 143 -1.78 3.78 10.55
N PRO B 144 -3.03 4.10 10.18
CA PRO B 144 -3.67 5.28 10.77
C PRO B 144 -4.10 5.07 12.23
N VAL B 145 -4.46 3.84 12.59
CA VAL B 145 -4.78 3.54 13.99
C VAL B 145 -3.54 3.71 14.86
N GLY B 146 -2.41 3.20 14.41
CA GLY B 146 -1.14 3.36 15.11
C GLY B 146 -0.83 4.84 15.35
N GLN B 147 -1.01 5.65 14.32
CA GLN B 147 -0.75 7.08 14.42
C GLN B 147 -1.70 7.74 15.42
N GLU B 148 -2.98 7.41 15.34
CA GLU B 148 -3.94 7.93 16.32
C GLU B 148 -3.55 7.59 17.76
N ARG B 149 -3.02 6.39 17.96
CA ARG B 149 -2.60 5.97 19.30
C ARG B 149 -1.37 6.73 19.79
N ARG B 150 -0.32 6.78 18.99
CA ARG B 150 0.90 7.49 19.46
C ARG B 150 0.60 8.96 19.64
N LEU B 151 -0.08 9.59 18.70
CA LEU B 151 -0.35 11.02 18.82
C LEU B 151 -1.40 11.32 19.86
N GLY B 152 -2.31 10.39 20.10
CA GLY B 152 -3.27 10.54 21.19
C GLY B 152 -2.62 10.54 22.56
N VAL B 153 -1.72 9.58 22.79
CA VAL B 153 -1.02 9.55 24.06
C VAL B 153 -0.11 10.78 24.20
N LEU B 154 0.69 11.08 23.18
CA LEU B 154 1.64 12.19 23.31
C LEU B 154 0.88 13.52 23.46
N SER B 155 -0.19 13.71 22.73
N SER B 155 -0.22 13.68 22.71
CA SER B 155 -0.93 14.97 22.89
CA SER B 155 -1.12 14.85 22.83
C SER B 155 -1.70 14.97 24.24
C SER B 155 -1.67 14.96 24.24
N GLY B 156 -2.10 13.81 24.74
CA GLY B 156 -2.69 13.72 26.06
C GLY B 156 -1.72 14.11 27.18
N ILE B 157 -0.46 13.71 27.03
CA ILE B 157 0.58 14.16 27.95
C ILE B 157 0.71 15.67 27.90
N ILE B 158 0.82 16.24 26.70
CA ILE B 158 0.93 17.68 26.56
C ILE B 158 -0.27 18.40 27.20
N GLU B 159 -1.46 17.93 26.87
CA GLU B 159 -2.69 18.59 27.36
C GLU B 159 -2.75 18.55 28.89
N ALA B 160 -2.42 17.40 29.47
CA ALA B 160 -2.43 17.27 30.93
C ALA B 160 -1.40 18.17 31.61
N GLN B 161 -0.22 18.27 31.00
CA GLN B 161 0.81 19.20 31.49
C GLN B 161 0.32 20.66 31.44
N LEU B 162 -0.28 21.04 30.31
CA LEU B 162 -0.82 22.40 30.20
C LEU B 162 -1.83 22.70 31.31
N ARG B 163 -2.76 21.77 31.51
CA ARG B 163 -3.81 21.97 32.49
C ARG B 163 -3.28 22.04 33.91
N LYS B 164 -2.29 21.22 34.24
CA LYS B 164 -1.80 21.16 35.61
C LYS B 164 -0.73 22.20 35.92
N PHE B 165 0.12 22.48 34.94
CA PHE B 165 1.36 23.24 35.14
C PHE B 165 1.45 24.55 34.37
N GLY B 166 0.60 24.72 33.36
CA GLY B 166 0.62 25.90 32.50
C GLY B 166 1.75 25.87 31.49
N LYS B 167 2.34 24.70 31.27
CA LYS B 167 3.48 24.56 30.37
C LYS B 167 3.58 23.09 30.03
N ALA B 168 4.32 22.75 28.97
CA ALA B 168 4.45 21.36 28.53
C ALA B 168 5.80 21.12 27.95
N ASP B 169 6.24 19.87 28.03
CA ASP B 169 7.54 19.50 27.49
C ASP B 169 7.55 18.00 27.34
N LEU B 170 8.03 17.56 26.20
CA LEU B 170 8.38 16.15 26.13
C LEU B 170 9.39 15.90 25.05
N THR B 171 10.03 14.77 25.19
CA THR B 171 11.05 14.34 24.30
C THR B 171 10.75 12.89 23.92
N VAL B 172 10.77 12.58 22.61
CA VAL B 172 10.77 11.21 22.12
C VAL B 172 12.21 11.00 21.65
N VAL B 173 12.93 10.12 22.34
CA VAL B 173 14.33 9.93 22.04
C VAL B 173 14.55 9.04 20.81
N GLY B 174 13.56 8.24 20.46
CA GLY B 174 13.63 7.41 19.28
C GLY B 174 12.33 6.67 19.05
N GLN B 175 12.20 6.13 17.86
CA GLN B 175 11.01 5.39 17.41
C GLN B 175 11.51 4.16 16.70
N GLY B 176 10.96 3.02 17.07
CA GLY B 176 11.18 1.78 16.32
C GLY B 176 9.86 1.17 15.90
N TRP B 177 9.92 0.18 15.02
CA TRP B 177 8.75 -0.41 14.40
C TRP B 177 8.76 -1.88 14.71
N GLY B 178 7.72 -2.34 15.41
CA GLY B 178 7.71 -3.71 15.92
C GLY B 178 6.64 -4.61 15.35
N HIS B 179 5.85 -4.12 14.40
CA HIS B 179 4.95 -4.99 13.61
C HIS B 179 3.86 -5.67 14.43
N TRP B 180 3.54 -5.04 15.56
CA TRP B 180 2.44 -5.45 16.46
C TRP B 180 2.74 -6.69 17.27
N ASN B 181 3.98 -7.19 17.25
CA ASN B 181 4.26 -8.47 17.90
C ASN B 181 5.43 -8.37 18.86
N ASP B 182 5.52 -9.40 19.68
CA ASP B 182 6.49 -9.50 20.73
C ASP B 182 7.94 -9.44 20.19
N GLU B 183 8.20 -10.24 19.17
CA GLU B 183 9.54 -10.30 18.57
C GLU B 183 9.99 -8.95 18.00
N GLY B 184 9.04 -8.30 17.32
CA GLY B 184 9.24 -6.97 16.74
C GLY B 184 9.57 -5.97 17.82
N GLY B 185 8.81 -6.01 18.91
CA GLY B 185 9.06 -5.07 20.01
C GLY B 185 10.39 -5.25 20.69
N LEU B 186 10.73 -6.53 20.86
CA LEU B 186 11.99 -6.87 21.49
C LEU B 186 13.18 -6.29 20.68
N LYS B 187 13.15 -6.56 19.39
CA LYS B 187 14.23 -6.12 18.52
C LYS B 187 14.31 -4.59 18.42
N ALA B 188 13.15 -3.96 18.28
CA ALA B 188 13.12 -2.49 18.17
C ALA B 188 13.65 -1.90 19.46
N MET B 189 13.24 -2.50 20.59
CA MET B 189 13.72 -1.98 21.86
C MET B 189 15.21 -2.14 22.07
N GLU B 190 15.73 -3.29 21.64
CA GLU B 190 17.19 -3.51 21.69
C GLU B 190 17.94 -2.36 21.03
N ASP B 191 17.51 -1.99 19.84
CA ASP B 191 18.14 -0.88 19.12
C ASP B 191 18.01 0.46 19.86
N LEU B 192 16.84 0.68 20.42
CA LEU B 192 16.57 1.91 21.15
C LEU B 192 17.43 2.04 22.40
N LEU B 193 17.62 0.92 23.07
CA LEU B 193 18.47 0.92 24.27
C LEU B 193 19.94 1.17 23.95
N VAL B 194 20.43 0.62 22.85
CA VAL B 194 21.82 0.86 22.46
C VAL B 194 22.00 2.35 22.11
N ALA B 195 21.00 2.92 21.42
CA ALA B 195 21.05 4.28 20.91
C ALA B 195 20.90 5.35 21.99
N ASN B 196 20.22 5.03 23.08
CA ASN B 196 19.78 6.04 24.04
C ASN B 196 19.96 5.62 25.48
N LYS B 197 20.83 6.32 26.19
CA LYS B 197 21.14 5.98 27.57
C LYS B 197 20.19 6.59 28.60
N ASP B 198 19.34 7.54 28.18
N ASP B 198 19.23 7.42 28.16
CA ASP B 198 18.39 8.20 29.07
CA ASP B 198 18.40 8.28 29.06
C ASP B 198 17.03 7.99 28.47
C ASP B 198 16.88 8.02 29.18
N ILE B 199 16.46 6.85 28.76
CA ILE B 199 15.05 6.55 28.53
C ILE B 199 14.39 6.38 29.89
N ASN B 200 13.24 7.02 30.10
CA ASN B 200 12.47 6.78 31.33
C ASN B 200 11.02 6.38 31.11
N MET B 201 10.66 6.19 29.85
CA MET B 201 9.30 5.72 29.51
C MET B 201 9.32 5.06 28.15
N VAL B 202 8.59 3.95 28.03
CA VAL B 202 8.33 3.33 26.76
C VAL B 202 6.86 3.57 26.46
N LEU B 203 6.60 4.01 25.24
CA LEU B 203 5.22 4.15 24.74
C LEU B 203 5.04 3.16 23.59
N GLY B 204 4.13 2.18 23.77
CA GLY B 204 3.84 1.25 22.70
C GLY B 204 2.44 1.39 22.14
N GLU B 205 2.34 1.17 20.84
CA GLU B 205 1.07 1.23 20.17
C GLU B 205 0.22 -0.04 20.40
N ASN B 206 0.82 -1.11 20.92
CA ASN B 206 0.05 -2.24 21.49
C ASN B 206 0.84 -2.84 22.63
N ASP B 207 0.21 -3.73 23.37
CA ASP B 207 0.89 -4.38 24.48
C ASP B 207 1.90 -5.43 24.01
N SER B 208 1.59 -6.14 22.93
CA SER B 208 2.47 -7.25 22.50
C SER B 208 3.90 -6.72 22.30
N MET B 209 4.02 -5.53 21.67
CA MET B 209 5.35 -4.95 21.46
C MET B 209 6.01 -4.57 22.78
N VAL B 210 5.24 -3.97 23.69
CA VAL B 210 5.80 -3.54 24.98
C VAL B 210 6.28 -4.74 25.82
N LEU B 211 5.53 -5.83 25.73
CA LEU B 211 5.91 -7.06 26.45
C LEU B 211 7.23 -7.62 25.95
N GLY B 212 7.43 -7.57 24.64
CA GLY B 212 8.71 -7.99 24.07
C GLY B 212 9.80 -7.01 24.49
N ALA B 213 9.49 -5.72 24.44
CA ALA B 213 10.43 -4.66 24.90
C ALA B 213 10.90 -4.85 26.34
N ARG B 214 9.97 -5.28 27.19
CA ARG B 214 10.27 -5.47 28.59
C ARG B 214 11.38 -6.53 28.76
N ARG B 215 11.38 -7.55 27.92
CA ARG B 215 12.44 -8.57 27.96
C ARG B 215 13.79 -7.96 27.58
N ALA B 216 13.82 -7.09 26.56
CA ALA B 216 15.08 -6.39 26.22
C ALA B 216 15.58 -5.48 27.34
N ILE B 217 14.65 -4.82 28.00
CA ILE B 217 14.97 -3.92 29.11
C ILE B 217 15.56 -4.73 30.27
N GLU B 218 14.91 -5.84 30.60
CA GLU B 218 15.37 -6.68 31.69
C GLU B 218 16.72 -7.33 31.37
N SER B 219 16.92 -7.74 30.12
CA SER B 219 18.23 -8.30 29.72
C SER B 219 19.35 -7.29 29.85
N ALA B 220 19.03 -6.05 29.51
CA ALA B 220 20.00 -4.96 29.59
C ALA B 220 20.22 -4.39 31.00
N GLY B 221 19.41 -4.83 31.95
CA GLY B 221 19.50 -4.29 33.31
C GLY B 221 19.12 -2.83 33.45
N ARG B 222 18.27 -2.32 32.55
CA ARG B 222 17.97 -0.90 32.56
C ARG B 222 16.77 -0.66 33.46
N THR B 223 16.96 0.22 34.43
CA THR B 223 16.00 0.45 35.49
C THR B 223 15.28 1.77 35.24
N GLY B 224 14.19 1.96 35.95
CA GLY B 224 13.47 3.25 35.98
C GLY B 224 12.63 3.57 34.75
N ILE B 225 12.23 2.57 33.97
CA ILE B 225 11.48 2.83 32.75
C ILE B 225 10.01 2.48 32.96
N LEU B 226 9.16 3.50 32.86
CA LEU B 226 7.71 3.34 32.94
C LEU B 226 7.15 2.77 31.63
N LEU B 227 6.39 1.69 31.73
CA LEU B 227 5.79 1.05 30.56
C LEU B 227 4.37 1.52 30.35
N VAL B 228 4.14 2.09 29.18
CA VAL B 228 2.86 2.70 28.79
C VAL B 228 2.44 2.19 27.43
N ALA B 229 1.21 1.67 27.36
CA ALA B 229 0.64 1.22 26.10
C ALA B 229 -0.66 1.94 25.80
N ALA B 230 -0.91 2.18 24.52
CA ALA B 230 -2.14 2.81 24.08
C ALA B 230 -3.31 1.85 23.84
N ALA B 231 -3.01 0.55 23.90
CA ALA B 231 -3.89 -0.55 23.48
C ALA B 231 -3.10 -1.82 23.89
N ASP B 232 -3.67 -3.00 24.08
CA ASP B 232 -5.06 -3.40 23.88
C ASP B 232 -5.77 -3.89 25.17
N ALA B 233 -5.01 -4.03 26.26
CA ALA B 233 -5.40 -4.74 27.50
C ALA B 233 -5.25 -6.26 27.32
N GLN B 234 -4.13 -6.64 26.70
CA GLN B 234 -3.72 -8.04 26.59
C GLN B 234 -3.47 -8.62 28.00
N LYS B 235 -3.88 -9.87 28.22
CA LYS B 235 -3.88 -10.39 29.61
C LYS B 235 -2.48 -10.37 30.27
N GLU B 236 -1.43 -10.64 29.52
CA GLU B 236 -0.07 -10.63 30.07
C GLU B 236 0.33 -9.22 30.54
N ALA B 237 -0.11 -8.19 29.83
CA ALA B 237 0.12 -6.82 30.28
C ALA B 237 -0.68 -6.53 31.53
N LEU B 238 -1.94 -6.93 31.53
CA LEU B 238 -2.79 -6.74 32.72
C LEU B 238 -2.18 -7.41 33.97
N ALA B 239 -1.64 -8.61 33.80
CA ALA B 239 -1.00 -9.30 34.92
C ALA B 239 0.15 -8.49 35.49
N LEU B 240 0.94 -7.88 34.61
CA LEU B 240 2.06 -7.06 35.05
C LEU B 240 1.61 -5.73 35.65
N ILE B 241 0.52 -5.18 35.12
CA ILE B 241 -0.06 -3.96 35.69
C ILE B 241 -0.51 -4.22 37.16
N LYS B 242 -1.13 -5.38 37.37
CA LYS B 242 -1.60 -5.80 38.71
C LYS B 242 -0.42 -5.89 39.71
N GLN B 243 0.75 -6.29 39.19
CA GLN B 243 1.98 -6.44 39.98
C GLN B 243 2.80 -5.18 40.14
N GLY B 244 2.36 -4.09 39.51
CA GLY B 244 3.12 -2.84 39.57
C GLY B 244 4.32 -2.78 38.64
N LYS B 245 4.37 -3.66 37.64
CA LYS B 245 5.52 -3.83 36.76
C LYS B 245 5.28 -3.28 35.36
N TYR B 246 4.15 -2.60 35.17
CA TYR B 246 3.72 -2.07 33.88
C TYR B 246 2.73 -0.97 34.26
N GLY B 247 2.78 0.18 33.60
CA GLY B 247 2.01 1.33 34.08
C GLY B 247 0.54 1.34 33.70
N VAL B 248 0.27 1.19 32.42
CA VAL B 248 -1.07 1.49 31.90
C VAL B 248 -1.22 0.90 30.51
N THR B 249 -2.46 0.54 30.17
CA THR B 249 -2.82 0.20 28.80
C THR B 249 -4.19 0.77 28.47
N GLY B 250 -4.51 0.76 27.20
CA GLY B 250 -5.80 1.18 26.67
C GLY B 250 -6.66 0.01 26.25
N LEU B 251 -7.97 0.15 26.41
CA LEU B 251 -8.88 -0.94 26.15
C LEU B 251 -9.25 -1.08 24.68
N ASN B 252 -8.90 -2.26 24.13
CA ASN B 252 -9.26 -2.65 22.77
C ASN B 252 -9.48 -4.15 22.76
N ASP B 253 -10.69 -4.56 23.10
CA ASP B 253 -11.02 -5.98 23.30
C ASP B 253 -11.36 -6.60 21.95
N PRO B 254 -10.52 -7.54 21.48
CA PRO B 254 -10.75 -8.06 20.12
C PRO B 254 -12.08 -8.78 19.98
N ALA B 255 -12.49 -9.47 21.04
CA ALA B 255 -13.74 -10.21 21.01
C ALA B 255 -14.94 -9.30 21.08
N LEU B 256 -14.88 -8.27 21.92
CA LEU B 256 -15.92 -7.26 21.93
C LEU B 256 -16.09 -6.58 20.58
N VAL B 257 -14.99 -6.20 19.97
CA VAL B 257 -15.07 -5.58 18.65
C VAL B 257 -15.80 -6.52 17.67
N ALA B 258 -15.41 -7.79 17.67
CA ALA B 258 -16.04 -8.76 16.78
C ALA B 258 -17.49 -8.96 17.09
N ARG B 259 -17.81 -9.13 18.37
CA ARG B 259 -19.22 -9.38 18.73
C ARG B 259 -20.10 -8.19 18.39
N THR B 260 -19.60 -7.00 18.64
CA THR B 260 -20.33 -5.76 18.35
C THR B 260 -20.66 -5.69 16.86
N ALA B 261 -19.66 -6.00 16.04
CA ALA B 261 -19.82 -5.94 14.59
C ALA B 261 -20.81 -6.98 14.07
N ILE B 262 -20.66 -8.22 14.55
CA ILE B 262 -21.59 -9.29 14.15
C ILE B 262 -23.04 -8.96 14.57
N ASP B 263 -23.23 -8.53 15.81
CA ASP B 263 -24.58 -8.30 16.33
C ASP B 263 -25.23 -7.18 15.54
N LEU B 264 -24.51 -6.08 15.37
CA LEU B 264 -25.05 -4.91 14.64
C LEU B 264 -25.29 -5.28 13.17
N GLY B 265 -24.35 -5.99 12.58
CA GLY B 265 -24.48 -6.41 11.17
C GLY B 265 -25.69 -7.30 10.94
N VAL B 266 -25.92 -8.26 11.82
CA VAL B 266 -27.10 -9.14 11.71
C VAL B 266 -28.39 -8.30 11.81
N LYS B 267 -28.44 -7.36 12.75
CA LYS B 267 -29.63 -6.54 12.89
C LYS B 267 -29.88 -5.72 11.64
N VAL B 268 -28.81 -5.22 11.03
CA VAL B 268 -28.93 -4.46 9.79
C VAL B 268 -29.45 -5.31 8.62
N VAL B 269 -28.88 -6.49 8.45
CA VAL B 269 -29.38 -7.43 7.43
C VAL B 269 -30.87 -7.74 7.64
N LYS B 270 -31.26 -7.92 8.90
CA LYS B 270 -32.63 -8.31 9.22
C LYS B 270 -33.60 -7.13 9.22
N GLY B 271 -33.08 -5.90 9.05
CA GLY B 271 -33.98 -4.73 9.00
C GLY B 271 -34.44 -4.25 10.37
N GLU B 272 -33.75 -4.71 11.41
CA GLU B 272 -34.15 -4.43 12.81
C GLU B 272 -33.59 -3.13 13.35
N VAL B 273 -32.65 -2.59 12.61
CA VAL B 273 -31.98 -1.36 12.93
C VAL B 273 -31.74 -0.59 11.64
N LYS B 274 -31.93 0.73 11.67
CA LYS B 274 -31.58 1.58 10.53
C LYS B 274 -30.86 2.84 11.01
N ASP B 275 -30.27 3.58 10.09
CA ASP B 275 -29.60 4.86 10.40
C ASP B 275 -28.46 4.66 11.40
N VAL B 276 -27.71 3.59 11.17
CA VAL B 276 -26.57 3.26 12.02
C VAL B 276 -25.47 4.30 11.80
N PRO B 277 -24.87 4.81 12.89
CA PRO B 277 -23.78 5.73 12.68
C PRO B 277 -22.63 5.04 11.96
N LYS B 278 -21.92 5.80 11.15
CA LYS B 278 -20.81 5.24 10.35
C LYS B 278 -19.56 4.92 11.17
N GLN B 279 -19.46 5.44 12.38
CA GLN B 279 -18.40 5.09 13.30
C GLN B 279 -19.04 4.59 14.62
N THR B 280 -18.62 3.39 15.05
CA THR B 280 -19.09 2.73 16.27
C THR B 280 -17.89 2.41 17.14
N LEU B 281 -17.60 3.23 18.13
CA LEU B 281 -16.43 3.06 18.95
C LEU B 281 -16.77 2.30 20.21
N THR B 282 -15.93 1.35 20.58
CA THR B 282 -16.11 0.67 21.84
C THR B 282 -15.72 1.56 23.00
N THR B 283 -16.22 1.25 24.18
CA THR B 283 -15.97 2.07 25.35
C THR B 283 -14.48 2.30 25.57
N PRO B 284 -14.09 3.55 25.81
CA PRO B 284 -12.69 3.80 26.13
C PRO B 284 -12.38 3.53 27.58
N ALA B 285 -11.13 3.17 27.82
CA ALA B 285 -10.63 3.06 29.18
C ALA B 285 -9.13 3.06 29.21
N ALA B 286 -8.57 3.74 30.19
CA ALA B 286 -7.20 3.56 30.62
C ALA B 286 -7.22 2.58 31.80
N ILE B 287 -6.41 1.54 31.73
CA ILE B 287 -6.42 0.46 32.71
C ILE B 287 -5.06 0.50 33.40
N THR B 288 -5.13 0.64 34.72
CA THR B 288 -3.99 0.83 35.59
C THR B 288 -4.10 -0.10 36.80
N LYS B 289 -3.15 -0.02 37.73
CA LYS B 289 -3.22 -0.89 38.91
C LYS B 289 -4.53 -0.65 39.71
N GLY B 290 -5.10 0.54 39.65
CA GLY B 290 -6.31 0.81 40.40
C GLY B 290 -7.52 0.00 39.93
N ASN B 291 -7.70 -0.10 38.63
CA ASN B 291 -8.89 -0.72 38.05
C ASN B 291 -8.66 -2.04 37.32
N VAL B 292 -7.44 -2.53 37.34
CA VAL B 292 -7.11 -3.72 36.56
C VAL B 292 -7.93 -4.94 36.96
N ASP B 293 -8.32 -5.04 38.22
CA ASP B 293 -9.03 -6.24 38.66
C ASP B 293 -10.39 -6.42 37.91
N LYS B 294 -10.98 -5.33 37.45
CA LYS B 294 -12.22 -5.39 36.68
C LYS B 294 -12.00 -6.10 35.33
N PHE B 295 -10.82 -5.95 34.78
CA PHE B 295 -10.52 -6.36 33.42
C PHE B 295 -9.71 -7.65 33.30
N TYR B 296 -8.98 -8.02 34.34
CA TYR B 296 -8.01 -9.09 34.22
C TYR B 296 -8.59 -10.49 34.47
N ASN B 297 -8.49 -11.33 33.46
CA ASN B 297 -8.87 -12.72 33.57
C ASN B 297 -7.69 -13.54 33.08
N PRO B 298 -6.99 -14.24 33.98
CA PRO B 298 -5.85 -15.02 33.55
C PRO B 298 -6.22 -16.18 32.61
N LYS B 299 -7.49 -16.54 32.53
CA LYS B 299 -7.92 -17.62 31.66
C LYS B 299 -8.54 -17.09 30.36
N ALA B 300 -8.37 -15.78 30.09
CA ALA B 300 -8.93 -15.20 28.87
C ALA B 300 -8.17 -15.71 27.65
N VAL B 301 -8.86 -15.65 26.52
CA VAL B 301 -8.25 -15.98 25.21
C VAL B 301 -7.14 -15.00 24.87
N PHE B 302 -7.36 -13.72 25.16
CA PHE B 302 -6.42 -12.67 24.82
C PHE B 302 -6.11 -11.83 26.03
#